data_6A6O
#
_entry.id   6A6O
#
_cell.length_a   68.180
_cell.length_b   68.180
_cell.length_c   140.173
_cell.angle_alpha   90.000
_cell.angle_beta   90.000
_cell.angle_gamma   90.000
#
_symmetry.space_group_name_H-M   'P 43 21 2'
#
loop_
_entity.id
_entity.type
_entity.pdbx_description
1 polymer 'Esterase/lipase-like protein'
2 water water
#
_entity_poly.entity_id   1
_entity_poly.type   'polypeptide(L)'
_entity_poly.pdbx_seq_one_letter_code
;MGSSHHHHHHSSGLVPRGSMIPLWENQNDIPLFDPANPFVPHLVPYILDSSKQLPCIIVFPGGGYTHRAQHESEPVCLWL
NSIGISAFVLNYRVQPYKHPAPLLDAKRAIRLVRYFSKKLNIDPNRIGVLGFSAGGHLASLVGTHFDSGDKKNDDPVERV
SCRPDCIVLCYPVISLAEFAHEGSKKALLGENPDPVLVWTLSSHNMVSSKTPPTFLWHTSDDSSVPVENSLLFAMALKKH
GVPFELHIFPHGRHGLGLASDTLYVKEWTKLCEKWFESIGFIG
;
_entity_poly.pdbx_strand_id   A
#
# COMPACT_ATOMS: atom_id res chain seq x y z
N SER A 12 0.70 -20.56 16.56
CA SER A 12 0.01 -21.84 16.59
C SER A 12 0.44 -22.76 15.46
N GLY A 13 0.78 -22.16 14.31
CA GLY A 13 1.23 -22.93 13.16
C GLY A 13 0.14 -23.41 12.24
N LEU A 14 -1.12 -23.11 12.55
CA LEU A 14 -2.26 -23.58 11.79
C LEU A 14 -2.67 -22.64 10.66
N VAL A 15 -2.04 -21.47 10.56
CA VAL A 15 -2.41 -20.48 9.56
C VAL A 15 -1.16 -20.13 8.76
N PRO A 16 -1.29 -19.68 7.52
CA PRO A 16 -0.08 -19.41 6.72
C PRO A 16 0.68 -18.20 7.24
N ARG A 17 1.98 -18.38 7.44
CA ARG A 17 2.87 -17.30 7.85
C ARG A 17 4.22 -17.53 7.18
N GLY A 18 4.68 -16.55 6.41
CA GLY A 18 5.98 -16.62 5.78
C GLY A 18 6.05 -17.33 4.45
N SER A 19 4.94 -17.86 3.95
CA SER A 19 4.93 -18.56 2.68
C SER A 19 4.97 -17.56 1.53
N MET A 20 4.98 -18.09 0.31
CA MET A 20 4.89 -17.29 -0.90
C MET A 20 3.55 -17.56 -1.57
N ILE A 21 2.71 -16.53 -1.70
CA ILE A 21 1.46 -16.65 -2.43
C ILE A 21 1.63 -15.92 -3.75
N PRO A 22 1.83 -16.62 -4.87
CA PRO A 22 1.96 -15.91 -6.15
C PRO A 22 0.68 -15.18 -6.46
N LEU A 23 0.81 -13.95 -6.99
CA LEU A 23 -0.38 -13.21 -7.37
C LEU A 23 -1.12 -13.89 -8.50
N TRP A 24 -0.40 -14.58 -9.39
CA TRP A 24 -0.99 -15.35 -10.47
C TRP A 24 -0.51 -16.79 -10.34
N GLU A 25 -1.47 -17.71 -10.17
CA GLU A 25 -1.19 -19.15 -10.14
C GLU A 25 -0.23 -19.57 -11.25
N ASN A 26 -0.58 -19.22 -12.48
CA ASN A 26 0.20 -19.56 -13.67
C ASN A 26 1.08 -18.38 -14.05
N GLN A 27 2.41 -18.59 -14.05
CA GLN A 27 3.33 -17.53 -14.45
C GLN A 27 3.03 -17.00 -15.84
N ASN A 28 2.39 -17.81 -16.70
CA ASN A 28 2.03 -17.34 -18.02
C ASN A 28 0.90 -16.32 -18.00
N ASP A 29 0.23 -16.15 -16.86
CA ASP A 29 -0.84 -15.18 -16.73
C ASP A 29 -0.37 -13.85 -16.13
N ILE A 30 0.90 -13.74 -15.75
CA ILE A 30 1.42 -12.49 -15.19
C ILE A 30 1.50 -11.45 -16.29
N PRO A 31 0.77 -10.33 -16.20
CA PRO A 31 0.85 -9.31 -17.25
C PRO A 31 2.22 -8.64 -17.28
N LEU A 32 2.71 -8.38 -18.48
CA LEU A 32 3.99 -7.70 -18.70
C LEU A 32 5.16 -8.46 -18.09
N PHE A 33 5.01 -9.77 -17.92
CA PHE A 33 6.06 -10.57 -17.30
C PHE A 33 7.25 -10.72 -18.24
N ASP A 34 8.45 -10.63 -17.66
CA ASP A 34 9.70 -10.86 -18.38
C ASP A 34 10.30 -12.17 -17.91
N PRO A 35 10.09 -13.28 -18.63
CA PRO A 35 10.55 -14.59 -18.12
C PRO A 35 12.05 -14.67 -17.92
N ALA A 36 12.85 -13.81 -18.56
CA ALA A 36 14.27 -13.73 -18.25
C ALA A 36 14.53 -13.28 -16.81
N ASN A 37 13.57 -12.58 -16.21
CA ASN A 37 13.70 -12.09 -14.84
C ASN A 37 13.10 -13.11 -13.88
N PRO A 38 13.88 -13.62 -12.91
CA PRO A 38 13.35 -14.73 -12.08
C PRO A 38 12.31 -14.30 -11.06
N PHE A 39 12.16 -13.01 -10.79
CA PHE A 39 11.28 -12.59 -9.72
C PHE A 39 9.81 -12.82 -10.10
N VAL A 40 9.07 -13.44 -9.20
CA VAL A 40 7.63 -13.66 -9.35
C VAL A 40 6.91 -12.82 -8.29
N PRO A 41 6.08 -11.84 -8.67
CA PRO A 41 5.39 -11.04 -7.65
C PRO A 41 4.47 -11.91 -6.81
N HIS A 42 4.41 -11.61 -5.52
CA HIS A 42 3.72 -12.50 -4.59
C HIS A 42 3.41 -11.74 -3.31
N LEU A 43 2.54 -12.36 -2.50
CA LEU A 43 2.26 -11.92 -1.14
C LEU A 43 2.96 -12.84 -0.14
N VAL A 44 3.39 -12.29 0.98
CA VAL A 44 3.86 -13.09 2.11
C VAL A 44 2.84 -12.93 3.24
N PRO A 45 2.17 -14.01 3.64
CA PRO A 45 1.12 -13.87 4.66
C PRO A 45 1.68 -13.82 6.08
N TYR A 46 0.98 -13.05 6.91
CA TYR A 46 1.19 -13.02 8.37
C TYR A 46 -0.22 -12.98 8.98
N ILE A 47 -0.95 -14.10 8.78
CA ILE A 47 -2.33 -14.25 9.22
C ILE A 47 -2.38 -14.47 10.72
N LEU A 48 -3.36 -13.84 11.37
CA LEU A 48 -3.65 -14.12 12.77
C LEU A 48 -4.61 -15.31 12.89
N ASP A 49 -4.38 -16.14 13.89
CA ASP A 49 -5.35 -17.19 14.20
C ASP A 49 -6.47 -16.60 15.03
N SER A 50 -7.71 -16.92 14.69
CA SER A 50 -8.85 -16.36 15.39
C SER A 50 -10.09 -17.17 15.05
N SER A 51 -11.07 -17.12 15.96
CA SER A 51 -12.37 -17.75 15.75
C SER A 51 -13.38 -16.84 15.07
N LYS A 52 -13.11 -15.55 15.00
CA LYS A 52 -13.96 -14.59 14.28
C LYS A 52 -13.24 -14.10 13.03
N GLN A 53 -14.03 -13.47 12.16
CA GLN A 53 -13.47 -12.83 10.98
C GLN A 53 -12.53 -11.70 11.38
N LEU A 54 -11.41 -11.59 10.67
CA LEU A 54 -10.48 -10.53 11.04
C LEU A 54 -10.34 -9.49 9.94
N PRO A 55 -10.05 -8.25 10.31
CA PRO A 55 -9.63 -7.26 9.31
C PRO A 55 -8.21 -7.55 8.86
N CYS A 56 -7.84 -6.96 7.71
CA CYS A 56 -6.60 -7.29 7.04
C CYS A 56 -5.96 -6.04 6.48
N ILE A 57 -4.64 -5.93 6.62
CA ILE A 57 -3.86 -4.87 5.98
C ILE A 57 -2.79 -5.51 5.11
N ILE A 58 -2.71 -5.10 3.85
CA ILE A 58 -1.60 -5.50 2.99
C ILE A 58 -0.57 -4.39 3.02
N VAL A 59 0.67 -4.75 3.38
CA VAL A 59 1.75 -3.79 3.57
C VAL A 59 2.54 -3.67 2.27
N PHE A 60 2.70 -2.43 1.78
CA PHE A 60 3.48 -2.13 0.59
C PHE A 60 4.80 -1.51 1.05
N PRO A 61 5.91 -2.24 1.08
CA PRO A 61 7.18 -1.65 1.49
C PRO A 61 7.67 -0.62 0.48
N GLY A 62 8.53 0.29 0.95
CA GLY A 62 9.16 1.27 0.09
C GLY A 62 10.46 0.76 -0.50
N GLY A 63 11.21 1.67 -1.10
CA GLY A 63 12.41 1.28 -1.83
C GLY A 63 12.58 1.90 -3.20
N GLY A 64 11.92 3.03 -3.45
CA GLY A 64 12.15 3.80 -4.66
C GLY A 64 11.86 3.09 -5.97
N TYR A 65 11.06 2.03 -5.94
CA TYR A 65 10.77 1.18 -7.10
C TYR A 65 12.03 0.50 -7.64
N THR A 66 13.06 0.36 -6.82
CA THR A 66 14.23 -0.43 -7.20
C THR A 66 14.45 -1.64 -6.30
N HIS A 67 13.83 -1.67 -5.13
CA HIS A 67 13.94 -2.77 -4.20
C HIS A 67 12.78 -2.64 -3.23
N ARG A 68 12.71 -3.54 -2.26
CA ARG A 68 11.66 -3.47 -1.25
C ARG A 68 12.31 -3.58 0.12
N ALA A 69 12.13 -2.53 0.93
CA ALA A 69 12.81 -2.44 2.22
C ALA A 69 12.25 -3.43 3.22
N GLN A 70 13.14 -4.20 3.84
CA GLN A 70 12.69 -5.25 4.75
C GLN A 70 12.17 -4.68 6.08
N HIS A 71 12.74 -3.56 6.55
CA HIS A 71 12.22 -2.97 7.79
C HIS A 71 10.82 -2.38 7.62
N GLU A 72 10.36 -2.25 6.39
CA GLU A 72 8.99 -1.84 6.10
C GLU A 72 8.12 -3.03 5.69
N SER A 73 8.56 -4.26 6.01
CA SER A 73 7.87 -5.47 5.60
C SER A 73 7.38 -6.35 6.74
N GLU A 74 8.21 -7.24 7.30
CA GLU A 74 7.69 -8.22 8.26
C GLU A 74 7.44 -7.51 9.59
N PRO A 75 8.33 -6.65 10.10
CA PRO A 75 8.05 -6.05 11.42
C PRO A 75 6.76 -5.23 11.45
N VAL A 76 6.40 -4.62 10.32
CA VAL A 76 5.12 -3.89 10.25
C VAL A 76 3.96 -4.85 10.46
N CYS A 77 4.03 -6.03 9.84
CA CYS A 77 3.01 -7.04 10.03
C CYS A 77 2.98 -7.55 11.47
N LEU A 78 4.13 -7.61 12.13
CA LEU A 78 4.10 -8.01 13.53
C LEU A 78 3.36 -6.98 14.37
N TRP A 79 3.56 -5.70 14.09
CA TRP A 79 2.80 -4.66 14.78
C TRP A 79 1.30 -4.79 14.46
N LEU A 80 0.97 -4.95 13.18
CA LEU A 80 -0.43 -5.12 12.81
C LEU A 80 -1.06 -6.31 13.55
N ASN A 81 -0.37 -7.44 13.55
CA ASN A 81 -0.84 -8.62 14.29
C ASN A 81 -1.10 -8.28 15.75
N SER A 82 -0.22 -7.48 16.36
CA SER A 82 -0.32 -7.16 17.78
C SER A 82 -1.57 -6.36 18.10
N ILE A 83 -2.19 -5.71 17.12
CA ILE A 83 -3.42 -4.98 17.35
C ILE A 83 -4.62 -5.65 16.67
N GLY A 84 -4.51 -6.94 16.36
CA GLY A 84 -5.66 -7.71 15.94
C GLY A 84 -5.93 -7.71 14.45
N ILE A 85 -4.92 -7.42 13.63
CA ILE A 85 -5.09 -7.29 12.18
C ILE A 85 -4.24 -8.36 11.50
N SER A 86 -4.88 -9.17 10.66
CA SER A 86 -4.13 -10.09 9.81
C SER A 86 -3.44 -9.27 8.73
N ALA A 87 -2.23 -9.70 8.35
CA ALA A 87 -1.43 -8.86 7.47
C ALA A 87 -0.75 -9.70 6.40
N PHE A 88 -0.36 -9.00 5.33
CA PHE A 88 0.47 -9.55 4.27
C PHE A 88 1.50 -8.50 3.91
N VAL A 89 2.65 -8.97 3.39
CA VAL A 89 3.60 -8.12 2.68
C VAL A 89 3.41 -8.33 1.19
N LEU A 90 3.20 -7.24 0.44
CA LEU A 90 3.15 -7.34 -1.02
C LEU A 90 4.56 -7.14 -1.58
N ASN A 91 5.10 -8.19 -2.20
CA ASN A 91 6.37 -8.09 -2.90
C ASN A 91 6.06 -7.86 -4.36
N TYR A 92 5.87 -6.59 -4.71
CA TYR A 92 5.54 -6.17 -6.06
C TYR A 92 6.81 -6.01 -6.90
N ARG A 93 6.61 -5.98 -8.21
CA ARG A 93 7.73 -5.88 -9.13
C ARG A 93 8.39 -4.51 -9.04
N VAL A 94 9.71 -4.49 -9.25
CA VAL A 94 10.52 -3.29 -9.23
C VAL A 94 11.44 -3.28 -10.46
N GLN A 95 12.28 -2.27 -10.53
CA GLN A 95 13.24 -2.11 -11.62
C GLN A 95 13.97 -3.41 -11.88
N PRO A 96 14.14 -3.84 -13.15
CA PRO A 96 13.89 -3.08 -14.38
C PRO A 96 12.45 -3.07 -14.86
N TYR A 97 11.52 -3.67 -14.11
CA TYR A 97 10.14 -3.46 -14.46
C TYR A 97 9.79 -1.98 -14.29
N LYS A 98 8.77 -1.55 -15.04
CA LYS A 98 8.31 -0.17 -15.02
C LYS A 98 6.79 -0.17 -14.88
N HIS A 99 6.24 1.04 -14.69
CA HIS A 99 4.81 1.22 -14.78
C HIS A 99 4.30 0.59 -16.09
N PRO A 100 3.15 -0.10 -16.08
CA PRO A 100 2.26 -0.26 -14.92
C PRO A 100 2.40 -1.55 -14.13
N ALA A 101 3.54 -2.25 -14.28
CA ALA A 101 3.67 -3.54 -13.60
C ALA A 101 3.43 -3.46 -12.09
N PRO A 102 4.05 -2.54 -11.34
CA PRO A 102 3.80 -2.53 -9.89
C PRO A 102 2.33 -2.31 -9.57
N LEU A 103 1.65 -1.41 -10.30
CA LEU A 103 0.25 -1.15 -10.01
C LEU A 103 -0.62 -2.36 -10.35
N LEU A 104 -0.29 -3.08 -11.42
CA LEU A 104 -1.02 -4.31 -11.72
C LEU A 104 -0.87 -5.33 -10.60
N ASP A 105 0.34 -5.43 -10.03
CA ASP A 105 0.57 -6.33 -8.91
C ASP A 105 -0.25 -5.92 -7.70
N ALA A 106 -0.32 -4.61 -7.40
CA ALA A 106 -1.08 -4.15 -6.25
C ALA A 106 -2.57 -4.41 -6.42
N LYS A 107 -3.12 -4.14 -7.61
CA LYS A 107 -4.54 -4.40 -7.81
C LYS A 107 -4.83 -5.89 -7.69
N ARG A 108 -3.97 -6.72 -8.28
CA ARG A 108 -4.15 -8.16 -8.21
C ARG A 108 -4.12 -8.65 -6.76
N ALA A 109 -3.19 -8.12 -5.97
CA ALA A 109 -3.08 -8.53 -4.57
C ALA A 109 -4.38 -8.29 -3.80
N ILE A 110 -5.00 -7.13 -3.98
CA ILE A 110 -6.25 -6.84 -3.29
C ILE A 110 -7.37 -7.79 -3.75
N ARG A 111 -7.52 -7.96 -5.06
CA ARG A 111 -8.51 -8.90 -5.58
C ARG A 111 -8.28 -10.31 -5.03
N LEU A 112 -7.02 -10.72 -4.97
CA LEU A 112 -6.68 -12.07 -4.52
C LEU A 112 -7.07 -12.28 -3.06
N VAL A 113 -6.67 -11.35 -2.18
CA VAL A 113 -7.00 -11.49 -0.77
C VAL A 113 -8.51 -11.45 -0.57
N ARG A 114 -9.20 -10.56 -1.30
CA ARG A 114 -10.65 -10.50 -1.15
C ARG A 114 -11.30 -11.76 -1.66
N TYR A 115 -10.79 -12.31 -2.77
CA TYR A 115 -11.36 -13.53 -3.33
C TYR A 115 -11.24 -14.70 -2.35
N PHE A 116 -10.08 -14.83 -1.71
CA PHE A 116 -9.81 -15.90 -0.76
C PHE A 116 -10.13 -15.51 0.67
N SER A 117 -10.93 -14.47 0.89
CA SER A 117 -11.13 -13.94 2.24
C SER A 117 -11.78 -14.99 3.15
N LYS A 118 -12.77 -15.73 2.65
CA LYS A 118 -13.41 -16.73 3.49
C LYS A 118 -12.40 -17.81 3.91
N LYS A 119 -11.57 -18.25 2.97
CA LYS A 119 -10.55 -19.27 3.26
C LYS A 119 -9.53 -18.77 4.27
N LEU A 120 -9.15 -17.48 4.16
CA LEU A 120 -8.16 -16.90 5.07
C LEU A 120 -8.77 -16.32 6.33
N ASN A 121 -10.09 -16.44 6.52
CA ASN A 121 -10.78 -15.93 7.71
C ASN A 121 -10.65 -14.42 7.82
N ILE A 122 -10.78 -13.73 6.69
CA ILE A 122 -10.66 -12.28 6.61
C ILE A 122 -11.99 -11.68 6.18
N ASP A 123 -12.34 -10.54 6.77
CA ASP A 123 -13.53 -9.81 6.36
C ASP A 123 -13.27 -9.16 5.01
N PRO A 124 -14.00 -9.53 3.94
CA PRO A 124 -13.71 -8.94 2.63
C PRO A 124 -14.02 -7.45 2.57
N ASN A 125 -14.77 -6.92 3.53
CA ASN A 125 -15.04 -5.49 3.59
C ASN A 125 -14.15 -4.76 4.57
N ARG A 126 -13.10 -5.41 5.08
CA ARG A 126 -12.09 -4.77 5.90
C ARG A 126 -10.70 -5.22 5.43
N ILE A 127 -10.41 -4.92 4.15
CA ILE A 127 -9.11 -5.18 3.55
C ILE A 127 -8.54 -3.83 3.12
N GLY A 128 -7.52 -3.35 3.85
CA GLY A 128 -6.88 -2.10 3.55
C GLY A 128 -5.43 -2.29 3.13
N VAL A 129 -4.80 -1.17 2.77
CA VAL A 129 -3.41 -1.18 2.36
C VAL A 129 -2.64 -0.14 3.17
N LEU A 130 -1.37 -0.45 3.42
CA LEU A 130 -0.48 0.44 4.17
C LEU A 130 0.85 0.47 3.42
N GLY A 131 1.32 1.66 3.06
CA GLY A 131 2.51 1.78 2.24
C GLY A 131 3.45 2.83 2.78
N PHE A 132 4.75 2.57 2.59
CA PHE A 132 5.84 3.45 2.96
C PHE A 132 6.52 3.98 1.70
N SER A 133 6.71 5.30 1.63
CA SER A 133 7.56 5.95 0.61
C SER A 133 7.04 5.56 -0.78
N ALA A 134 7.85 4.92 -1.64
CA ALA A 134 7.33 4.48 -2.93
C ALA A 134 6.21 3.45 -2.78
N GLY A 135 6.25 2.63 -1.70
CA GLY A 135 5.12 1.78 -1.40
C GLY A 135 3.87 2.56 -1.04
N GLY A 136 4.05 3.74 -0.42
CA GLY A 136 2.90 4.60 -0.18
C GLY A 136 2.37 5.22 -1.46
N HIS A 137 3.28 5.53 -2.39
CA HIS A 137 2.81 5.89 -3.73
C HIS A 137 1.93 4.79 -4.30
N LEU A 138 2.42 3.56 -4.31
CA LEU A 138 1.66 2.45 -4.83
C LEU A 138 0.33 2.28 -4.10
N ALA A 139 0.34 2.39 -2.77
CA ALA A 139 -0.89 2.32 -1.99
C ALA A 139 -1.86 3.43 -2.38
N SER A 140 -1.35 4.65 -2.55
CA SER A 140 -2.21 5.75 -2.93
C SER A 140 -2.78 5.57 -4.33
N LEU A 141 -2.06 4.87 -5.20
CA LEU A 141 -2.54 4.60 -6.55
C LEU A 141 -3.67 3.57 -6.53
N VAL A 142 -3.48 2.47 -5.81
CA VAL A 142 -4.56 1.50 -5.75
C VAL A 142 -5.74 2.07 -4.97
N GLY A 143 -5.51 3.06 -4.09
CA GLY A 143 -6.58 3.77 -3.42
C GLY A 143 -7.27 4.82 -4.26
N THR A 144 -6.80 5.09 -5.48
CA THR A 144 -7.42 6.06 -6.36
C THR A 144 -7.74 5.50 -7.74
N HIS A 145 -7.08 4.43 -8.17
CA HIS A 145 -7.22 3.84 -9.51
C HIS A 145 -8.04 2.56 -9.51
N PHE A 146 -8.81 2.30 -8.45
CA PHE A 146 -9.46 1.01 -8.27
C PHE A 146 -10.68 0.85 -9.17
N ASP A 147 -11.20 -0.37 -9.19
CA ASP A 147 -12.41 -0.72 -9.92
C ASP A 147 -13.09 -1.88 -9.18
N SER A 148 -14.38 -2.08 -9.46
CA SER A 148 -15.18 -3.05 -8.73
C SER A 148 -15.14 -4.46 -9.34
N GLY A 149 -14.28 -4.70 -10.31
CA GLY A 149 -14.07 -6.01 -10.87
C GLY A 149 -14.74 -6.16 -12.24
N ASP A 150 -14.24 -7.15 -12.98
CA ASP A 150 -14.75 -7.52 -14.32
C ASP A 150 -15.65 -8.74 -14.13
N LYS A 151 -16.95 -8.50 -14.02
CA LYS A 151 -17.85 -9.54 -13.51
C LYS A 151 -17.98 -10.72 -14.46
N LYS A 152 -17.68 -10.53 -15.75
CA LYS A 152 -17.75 -11.61 -16.73
C LYS A 152 -16.38 -12.22 -17.04
N ASN A 153 -15.36 -11.94 -16.24
CA ASN A 153 -14.04 -12.48 -16.51
C ASN A 153 -14.00 -13.99 -16.30
N ASP A 154 -13.16 -14.67 -17.08
CA ASP A 154 -12.96 -16.10 -16.93
C ASP A 154 -12.20 -16.43 -15.65
N ASP A 155 -11.37 -15.49 -15.16
CA ASP A 155 -10.68 -15.64 -13.89
C ASP A 155 -11.59 -15.12 -12.79
N PRO A 156 -12.06 -15.96 -11.87
CA PRO A 156 -12.95 -15.47 -10.80
C PRO A 156 -12.32 -14.38 -9.95
N VAL A 157 -10.99 -14.40 -9.80
CA VAL A 157 -10.32 -13.35 -9.02
C VAL A 157 -10.53 -11.99 -9.67
N GLU A 158 -10.52 -11.95 -11.01
CA GLU A 158 -10.69 -10.68 -11.71
C GLU A 158 -12.10 -10.11 -11.58
N ARG A 159 -13.06 -10.90 -11.13
CA ARG A 159 -14.42 -10.39 -10.92
C ARG A 159 -14.53 -9.60 -9.63
N VAL A 160 -13.50 -9.59 -8.80
CA VAL A 160 -13.56 -9.03 -7.45
C VAL A 160 -13.00 -7.61 -7.47
N SER A 161 -13.58 -6.74 -6.64
CA SER A 161 -13.13 -5.36 -6.51
C SER A 161 -11.69 -5.29 -6.01
N CYS A 162 -10.92 -4.35 -6.56
CA CYS A 162 -9.58 -4.06 -6.03
C CYS A 162 -9.54 -2.79 -5.19
N ARG A 163 -10.69 -2.32 -4.72
CA ARG A 163 -10.72 -1.11 -3.89
C ARG A 163 -10.39 -1.47 -2.45
N PRO A 164 -9.35 -0.87 -1.86
CA PRO A 164 -9.10 -1.10 -0.44
C PRO A 164 -10.15 -0.39 0.41
N ASP A 165 -10.42 -0.96 1.59
CA ASP A 165 -11.41 -0.39 2.48
C ASP A 165 -10.84 0.74 3.35
N CYS A 166 -9.52 0.88 3.40
CA CYS A 166 -8.85 2.02 4.03
C CYS A 166 -7.43 2.06 3.51
N ILE A 167 -6.77 3.21 3.68
CA ILE A 167 -5.43 3.45 3.19
C ILE A 167 -4.60 4.08 4.30
N VAL A 168 -3.39 3.57 4.52
CA VAL A 168 -2.44 4.19 5.44
C VAL A 168 -1.19 4.54 4.65
N LEU A 169 -0.79 5.81 4.70
CA LEU A 169 0.32 6.32 3.90
C LEU A 169 1.38 6.84 4.83
N CYS A 170 2.60 6.30 4.73
CA CYS A 170 3.69 6.62 5.64
C CYS A 170 4.80 7.26 4.84
N TYR A 171 5.12 8.53 5.17
CA TYR A 171 5.99 9.39 4.35
C TYR A 171 5.90 9.04 2.87
N PRO A 172 4.71 9.17 2.26
CA PRO A 172 4.51 8.70 0.88
C PRO A 172 5.08 9.61 -0.21
N VAL A 173 5.62 8.95 -1.23
CA VAL A 173 5.72 9.54 -2.56
C VAL A 173 4.31 9.71 -3.10
N ILE A 174 3.97 10.92 -3.54
CA ILE A 174 2.59 11.18 -3.99
C ILE A 174 2.63 11.83 -5.36
N SER A 175 3.35 12.96 -5.44
CA SER A 175 3.47 13.72 -6.67
C SER A 175 4.68 13.23 -7.49
N LEU A 176 4.49 13.13 -8.80
CA LEU A 176 5.56 12.70 -9.68
C LEU A 176 6.34 13.90 -10.23
N ALA A 177 5.69 15.05 -10.24
CA ALA A 177 6.31 16.28 -10.73
C ALA A 177 6.82 17.13 -9.56
N GLU A 178 6.08 18.18 -9.23
CA GLU A 178 6.46 19.06 -8.13
C GLU A 178 6.65 18.25 -6.86
N PHE A 179 7.73 18.52 -6.14
CA PHE A 179 8.02 17.79 -4.90
C PHE A 179 8.21 16.29 -5.12
N ALA A 180 8.50 15.87 -6.34
CA ALA A 180 8.67 14.46 -6.63
C ALA A 180 9.98 13.91 -6.06
N HIS A 181 9.94 12.67 -5.58
CA HIS A 181 11.15 11.90 -5.40
C HIS A 181 11.63 11.45 -6.77
N GLU A 182 12.71 12.07 -7.27
CA GLU A 182 13.08 11.86 -8.67
C GLU A 182 13.55 10.44 -8.93
N GLY A 183 14.18 9.81 -7.93
CA GLY A 183 14.58 8.42 -8.10
C GLY A 183 13.39 7.51 -8.37
N SER A 184 12.32 7.66 -7.58
CA SER A 184 11.14 6.83 -7.79
C SER A 184 10.53 7.11 -9.16
N LYS A 185 10.46 8.38 -9.53
CA LYS A 185 9.85 8.76 -10.80
C LYS A 185 10.61 8.14 -11.98
N LYS A 186 11.94 8.17 -11.91
CA LYS A 186 12.76 7.61 -12.97
C LYS A 186 12.67 6.09 -13.02
N ALA A 187 12.72 5.43 -11.85
CA ALA A 187 12.59 3.98 -11.81
C ALA A 187 11.24 3.54 -12.37
N LEU A 188 10.17 4.30 -12.09
CA LEU A 188 8.84 3.86 -12.48
C LEU A 188 8.54 4.16 -13.94
N LEU A 189 9.02 5.31 -14.45
CA LEU A 189 8.58 5.82 -15.73
C LEU A 189 9.67 5.97 -16.78
N GLY A 190 10.95 5.96 -16.40
CA GLY A 190 12.00 6.27 -17.36
C GLY A 190 12.36 7.73 -17.36
N GLU A 191 13.19 8.11 -18.35
CA GLU A 191 13.84 9.42 -18.28
C GLU A 191 13.07 10.54 -18.99
N ASN A 192 12.16 10.23 -19.91
CA ASN A 192 11.34 11.24 -20.58
C ASN A 192 9.88 10.83 -20.51
N PRO A 193 9.30 10.83 -19.31
CA PRO A 193 7.97 10.22 -19.15
C PRO A 193 6.87 11.05 -19.79
N ASP A 194 5.84 10.35 -20.27
CA ASP A 194 4.64 10.98 -20.81
C ASP A 194 4.02 11.90 -19.76
N PRO A 195 3.85 13.19 -20.06
CA PRO A 195 3.20 14.11 -19.10
C PRO A 195 1.84 13.65 -18.64
N VAL A 196 1.10 12.91 -19.47
CA VAL A 196 -0.19 12.39 -19.05
C VAL A 196 -0.02 11.42 -17.88
N LEU A 197 0.97 10.53 -17.98
CA LEU A 197 1.23 9.60 -16.89
C LEU A 197 1.77 10.31 -15.66
N VAL A 198 2.59 11.33 -15.86
CA VAL A 198 3.04 12.12 -14.71
C VAL A 198 1.84 12.67 -13.95
N TRP A 199 0.83 13.14 -14.68
CA TRP A 199 -0.35 13.69 -14.05
C TRP A 199 -1.20 12.59 -13.39
N THR A 200 -1.50 11.51 -14.13
CA THR A 200 -2.41 10.51 -13.58
C THR A 200 -1.74 9.67 -12.50
N LEU A 201 -0.40 9.63 -12.45
CA LEU A 201 0.30 8.91 -11.39
C LEU A 201 0.76 9.84 -10.27
N SER A 202 0.43 11.13 -10.34
CA SER A 202 0.52 12.01 -9.18
C SER A 202 -0.80 11.82 -8.44
N SER A 203 -0.77 11.02 -7.37
CA SER A 203 -2.01 10.39 -6.92
C SER A 203 -2.97 11.38 -6.28
N HIS A 204 -2.49 12.54 -5.80
CA HIS A 204 -3.43 13.53 -5.29
C HIS A 204 -4.39 14.01 -6.38
N ASN A 205 -3.96 13.95 -7.65
CA ASN A 205 -4.81 14.33 -8.78
C ASN A 205 -5.99 13.39 -8.98
N MET A 206 -5.91 12.16 -8.47
CA MET A 206 -6.88 11.12 -8.79
C MET A 206 -7.80 10.78 -7.63
N VAL A 207 -7.71 11.51 -6.51
CA VAL A 207 -8.65 11.31 -5.41
C VAL A 207 -10.05 11.62 -5.89
N SER A 208 -11.02 10.81 -5.46
CA SER A 208 -12.43 11.02 -5.78
C SER A 208 -13.25 10.86 -4.50
N SER A 209 -14.55 11.09 -4.60
CA SER A 209 -15.41 10.89 -3.43
C SER A 209 -15.45 9.42 -2.97
N LYS A 210 -15.05 8.49 -3.83
CA LYS A 210 -15.02 7.07 -3.49
C LYS A 210 -13.69 6.61 -2.90
N THR A 211 -12.67 7.45 -2.88
CA THR A 211 -11.43 7.10 -2.20
C THR A 211 -11.73 6.74 -0.75
N PRO A 212 -11.18 5.65 -0.22
CA PRO A 212 -11.51 5.23 1.15
C PRO A 212 -10.87 6.13 2.19
N PRO A 213 -11.34 6.05 3.44
CA PRO A 213 -10.71 6.80 4.53
C PRO A 213 -9.21 6.54 4.57
N THR A 214 -8.44 7.60 4.83
CA THR A 214 -6.99 7.58 4.71
C THR A 214 -6.35 8.16 5.97
N PHE A 215 -5.25 7.55 6.39
CA PHE A 215 -4.40 8.02 7.49
C PHE A 215 -3.03 8.29 6.89
N LEU A 216 -2.48 9.48 7.12
CA LEU A 216 -1.15 9.83 6.62
C LEU A 216 -0.25 10.28 7.76
N TRP A 217 1.04 9.96 7.66
CA TRP A 217 2.01 10.60 8.54
C TRP A 217 3.32 10.85 7.78
N HIS A 218 4.10 11.82 8.30
CA HIS A 218 5.27 12.35 7.62
C HIS A 218 6.09 13.13 8.63
N THR A 219 7.38 13.33 8.33
CA THR A 219 8.16 14.30 9.10
C THR A 219 8.37 15.56 8.28
N SER A 220 8.32 16.71 8.95
CA SER A 220 8.28 17.96 8.19
C SER A 220 9.62 18.23 7.49
N ASP A 221 10.72 17.74 8.05
CA ASP A 221 12.03 18.01 7.48
C ASP A 221 12.57 16.85 6.66
N ASP A 222 11.72 15.87 6.33
CA ASP A 222 12.08 14.78 5.42
C ASP A 222 12.79 15.34 4.20
N SER A 223 14.06 14.97 4.02
CA SER A 223 14.87 15.51 2.93
C SER A 223 14.87 14.62 1.69
N SER A 224 14.25 13.44 1.76
CA SER A 224 14.15 12.59 0.58
C SER A 224 12.81 12.75 -0.12
N VAL A 225 11.73 12.76 0.65
CA VAL A 225 10.39 12.84 0.09
C VAL A 225 9.73 14.01 0.79
N PRO A 226 9.57 15.15 0.10
CA PRO A 226 9.05 16.36 0.75
C PRO A 226 7.71 16.10 1.41
N VAL A 227 7.54 16.66 2.61
CA VAL A 227 6.26 16.58 3.33
C VAL A 227 5.11 17.15 2.51
N GLU A 228 5.40 18.04 1.56
CA GLU A 228 4.36 18.53 0.66
C GLU A 228 3.57 17.40 0.00
N ASN A 229 4.18 16.22 -0.17
CA ASN A 229 3.46 15.11 -0.79
C ASN A 229 2.25 14.71 0.05
N SER A 230 2.42 14.60 1.37
CA SER A 230 1.29 14.27 2.25
C SER A 230 0.30 15.42 2.32
N LEU A 231 0.80 16.67 2.35
CA LEU A 231 -0.11 17.81 2.39
C LEU A 231 -0.97 17.88 1.13
N LEU A 232 -0.38 17.62 -0.05
CA LEU A 232 -1.15 17.61 -1.29
C LEU A 232 -2.23 16.54 -1.27
N PHE A 233 -1.91 15.34 -0.79
CA PHE A 233 -2.92 14.29 -0.78
C PHE A 233 -4.04 14.65 0.20
N ALA A 234 -3.68 15.24 1.34
CA ALA A 234 -4.69 15.68 2.30
C ALA A 234 -5.62 16.73 1.70
N MET A 235 -5.06 17.71 1.00
CA MET A 235 -5.91 18.73 0.36
C MET A 235 -6.92 18.08 -0.58
N ALA A 236 -6.47 17.06 -1.33
CA ALA A 236 -7.35 16.40 -2.29
C ALA A 236 -8.44 15.60 -1.60
N LEU A 237 -8.10 14.90 -0.51
CA LEU A 237 -9.09 14.16 0.26
C LEU A 237 -10.19 15.10 0.77
N LYS A 238 -9.81 16.25 1.33
CA LYS A 238 -10.82 17.20 1.78
C LYS A 238 -11.64 17.71 0.61
N LYS A 239 -10.98 18.06 -0.50
CA LYS A 239 -11.70 18.56 -1.66
C LYS A 239 -12.82 17.59 -2.07
N HIS A 240 -12.60 16.29 -1.90
CA HIS A 240 -13.58 15.30 -2.33
C HIS A 240 -14.40 14.73 -1.19
N GLY A 241 -14.32 15.34 -0.01
CA GLY A 241 -15.17 14.96 1.10
C GLY A 241 -14.79 13.68 1.81
N VAL A 242 -13.56 13.22 1.65
CA VAL A 242 -13.11 11.96 2.27
C VAL A 242 -12.51 12.32 3.64
N PRO A 243 -13.04 11.78 4.73
CA PRO A 243 -12.46 12.09 6.04
C PRO A 243 -11.10 11.42 6.17
N PHE A 244 -10.15 12.14 6.77
CA PHE A 244 -8.80 11.63 6.85
C PHE A 244 -8.14 12.08 8.14
N GLU A 245 -7.06 11.39 8.46
CA GLU A 245 -6.21 11.70 9.61
C GLU A 245 -4.80 11.95 9.08
N LEU A 246 -4.15 13.00 9.59
CA LEU A 246 -2.81 13.34 9.15
C LEU A 246 -1.97 13.75 10.36
N HIS A 247 -0.77 13.19 10.47
CA HIS A 247 0.14 13.55 11.55
C HIS A 247 1.49 13.88 10.95
N ILE A 248 1.94 15.12 11.14
CA ILE A 248 3.27 15.52 10.72
C ILE A 248 4.05 15.86 11.97
N PHE A 249 5.16 15.17 12.17
CA PHE A 249 6.08 15.47 13.24
C PHE A 249 7.23 16.32 12.71
N PRO A 250 7.80 17.21 13.54
CA PRO A 250 8.74 18.19 13.00
C PRO A 250 10.00 17.59 12.42
N HIS A 251 10.59 16.58 13.07
CA HIS A 251 11.92 16.13 12.71
CA HIS A 251 11.93 16.13 12.72
C HIS A 251 12.00 14.62 12.59
N GLY A 252 12.66 14.16 11.54
CA GLY A 252 12.97 12.75 11.42
C GLY A 252 13.45 12.44 10.02
N ARG A 253 14.50 11.64 9.90
CA ARG A 253 14.95 11.30 8.55
C ARG A 253 13.91 10.42 7.87
N HIS A 254 13.98 10.41 6.54
CA HIS A 254 13.06 9.59 5.75
C HIS A 254 13.30 8.13 6.05
N GLY A 255 12.23 7.35 6.08
CA GLY A 255 12.34 5.91 6.15
C GLY A 255 12.40 5.33 7.54
N LEU A 256 11.75 5.96 8.52
CA LEU A 256 11.83 5.50 9.91
C LEU A 256 10.97 4.28 10.18
N GLY A 257 10.13 3.87 9.24
CA GLY A 257 9.31 2.67 9.44
C GLY A 257 8.40 2.85 10.64
N LEU A 258 8.38 1.84 11.54
CA LEU A 258 7.59 1.95 12.76
C LEU A 258 8.18 2.94 13.75
N ALA A 259 9.41 3.40 13.52
CA ALA A 259 10.03 4.47 14.30
C ALA A 259 10.07 4.17 15.81
N SER A 260 10.26 2.89 16.15
CA SER A 260 10.07 2.45 17.53
C SER A 260 11.03 3.14 18.49
N ASP A 261 12.22 3.54 18.01
CA ASP A 261 13.22 4.15 18.87
C ASP A 261 13.29 5.67 18.74
N THR A 262 12.34 6.28 18.03
CA THR A 262 12.39 7.71 17.73
C THR A 262 11.39 8.42 18.61
N LEU A 263 11.89 9.23 19.55
CA LEU A 263 11.01 10.00 20.41
C LEU A 263 10.02 10.81 19.58
N TYR A 264 8.77 10.87 20.06
CA TYR A 264 7.66 11.61 19.47
C TYR A 264 7.20 11.15 18.09
N VAL A 265 8.12 10.55 17.33
CA VAL A 265 7.79 10.03 16.01
C VAL A 265 7.20 8.62 16.14
N LYS A 266 7.56 7.95 17.23
CA LYS A 266 7.07 6.60 17.48
C LYS A 266 5.63 6.61 17.98
N GLU A 267 5.03 7.80 17.97
CA GLU A 267 3.65 7.95 18.42
C GLU A 267 2.68 7.81 17.26
N TRP A 268 3.19 7.51 16.08
CA TRP A 268 2.33 7.36 14.90
C TRP A 268 1.61 6.02 14.89
N THR A 269 2.26 4.95 15.37
CA THR A 269 1.59 3.65 15.38
C THR A 269 0.45 3.60 16.38
N LYS A 270 0.58 4.30 17.51
CA LYS A 270 -0.51 4.33 18.47
C LYS A 270 -1.67 5.16 17.93
N LEU A 271 -1.35 6.28 17.26
CA LEU A 271 -2.41 7.07 16.63
C LEU A 271 -3.08 6.27 15.52
N CYS A 272 -2.31 5.49 14.76
CA CYS A 272 -2.90 4.68 13.69
C CYS A 272 -3.80 3.59 14.24
N GLU A 273 -3.37 2.94 15.33
CA GLU A 273 -4.22 1.96 16.01
C GLU A 273 -5.55 2.57 16.42
N LYS A 274 -5.52 3.77 17.02
CA LYS A 274 -6.76 4.41 17.43
C LYS A 274 -7.60 4.84 16.23
N TRP A 275 -6.96 5.23 15.13
CA TRP A 275 -7.73 5.57 13.92
C TRP A 275 -8.42 4.33 13.34
N PHE A 276 -7.71 3.21 13.26
CA PHE A 276 -8.33 1.95 12.89
C PHE A 276 -9.57 1.68 13.74
N GLU A 277 -9.46 1.91 15.04
CA GLU A 277 -10.63 1.75 15.90
C GLU A 277 -11.70 2.77 15.55
N SER A 278 -11.30 4.03 15.29
CA SER A 278 -12.28 5.08 15.02
C SER A 278 -13.09 4.80 13.77
N ILE A 279 -12.50 4.16 12.75
CA ILE A 279 -13.23 3.90 11.51
C ILE A 279 -13.91 2.54 11.52
N GLY A 280 -13.86 1.81 12.62
CA GLY A 280 -14.48 0.51 12.71
C GLY A 280 -13.67 -0.61 12.11
N PHE A 281 -12.39 -0.38 11.82
CA PHE A 281 -11.54 -1.42 11.26
C PHE A 281 -11.19 -2.46 12.29
N ILE A 282 -10.96 -2.04 13.54
CA ILE A 282 -10.77 -2.95 14.65
C ILE A 282 -11.69 -2.54 15.78
N GLY A 283 -11.82 -3.43 16.77
CA GLY A 283 -12.64 -3.15 17.94
C GLY A 283 -14.13 -3.35 17.69
#